data_9M1B
#
_entry.id   9M1B
#
_cell.length_a   154.790
_cell.length_b   42.370
_cell.length_c   42.280
_cell.angle_alpha   90.000
_cell.angle_beta   96.375
_cell.angle_gamma   90.000
#
_symmetry.space_group_name_H-M   'C 1 2 1'
#
loop_
_entity.id
_entity.type
_entity.pdbx_description
1 polymer 'Vitamin D3 receptor'
2 polymer 'Mediator of RNA polymerase II transcription subunit 1'
3 non-polymer '(4~{S})-5-[4-[[4-(2-ethyl-2-oxidanyl-butoxy)-3-methyl-phenyl]-dipropyl-silyl]-2-methyl-phenoxy]-4-oxidanyl-pentanoic acid'
4 water water
#
loop_
_entity_poly.entity_id
_entity_poly.type
_entity_poly.pdbx_seq_one_letter_code
_entity_poly.pdbx_strand_id
1 'polypeptide(L)'
;GSHMGSPNSPLKDSLRPKLSEEQQHIIAILLDAHHKTYDPTYADFRDFRPPVRMDGSTGSVTLDLSPLSMLPHLADLVSY
SIQKVIGFAKMIPGFRDLTSDDQIVLLKSSAIEVIMLRSNQSFTMDDMSWDCGSQDYKYDVTDVSKAGHTLELIEPLIKF
QVGLKKLNLHEEEHVLLMAICIVSPDRPGVQDAKLVEAIQDRLSNTLQTYIRCRHPPPGSHQLYAKMIQKLADLRSLNEE
HSKQYRSLSFQPENSMKLTPLVLEVFGNEIS
;
A
2 'polypeptide(L)' KNHPMLMNLLKDN C
#
# COMPACT_ATOMS: atom_id res chain seq x y z
N LYS A 18 23.12 -19.15 -2.28
N LYS A 18 23.24 -19.06 -2.30
CA LYS A 18 21.71 -19.19 -2.65
CA LYS A 18 21.83 -19.18 -2.67
C LYS A 18 21.20 -17.81 -3.02
C LYS A 18 21.24 -17.81 -3.04
N LEU A 19 21.57 -16.80 -2.24
CA LEU A 19 21.15 -15.43 -2.51
C LEU A 19 22.11 -14.84 -3.53
N SER A 20 21.71 -14.86 -4.80
CA SER A 20 22.59 -14.45 -5.88
C SER A 20 22.91 -12.96 -5.79
N GLU A 21 23.89 -12.53 -6.59
N GLU A 21 23.90 -12.55 -6.59
CA GLU A 21 24.27 -11.12 -6.60
CA GLU A 21 24.29 -11.14 -6.63
C GLU A 21 23.15 -10.25 -7.14
C GLU A 21 23.14 -10.27 -7.13
N GLU A 22 22.38 -10.77 -8.11
CA GLU A 22 21.24 -10.01 -8.62
C GLU A 22 20.17 -9.86 -7.55
N GLN A 23 19.97 -10.89 -6.72
CA GLN A 23 18.96 -10.81 -5.68
C GLN A 23 19.35 -9.83 -4.58
N GLN A 24 20.64 -9.78 -4.25
CA GLN A 24 21.12 -8.76 -3.31
C GLN A 24 20.96 -7.37 -3.90
N HIS A 25 21.14 -7.24 -5.22
CA HIS A 25 20.92 -5.96 -5.89
C HIS A 25 19.47 -5.53 -5.79
N ILE A 26 18.54 -6.46 -6.02
CA ILE A 26 17.11 -6.15 -5.98
C ILE A 26 16.73 -5.63 -4.60
N ILE A 27 17.20 -6.29 -3.55
CA ILE A 27 16.86 -5.89 -2.18
C ILE A 27 17.42 -4.50 -1.89
N ALA A 28 18.65 -4.24 -2.34
CA ALA A 28 19.26 -2.92 -2.10
C ALA A 28 18.45 -1.80 -2.74
N ILE A 29 17.96 -2.03 -3.96
CA ILE A 29 17.18 -1.01 -4.65
C ILE A 29 15.86 -0.75 -3.93
N LEU A 30 15.18 -1.82 -3.52
CA LEU A 30 13.88 -1.67 -2.88
C LEU A 30 14.01 -1.00 -1.51
N LEU A 31 15.09 -1.31 -0.77
N LEU A 31 15.09 -1.31 -0.78
CA LEU A 31 15.33 -0.62 0.48
CA LEU A 31 15.37 -0.63 0.48
C LEU A 31 15.53 0.88 0.26
C LEU A 31 15.56 0.86 0.26
N ASP A 32 16.36 1.23 -0.73
CA ASP A 32 16.60 2.63 -1.03
C ASP A 32 15.34 3.32 -1.55
N ALA A 33 14.57 2.62 -2.39
CA ALA A 33 13.33 3.19 -2.91
C ALA A 33 12.35 3.51 -1.78
N HIS A 34 12.25 2.61 -0.80
CA HIS A 34 11.36 2.86 0.34
C HIS A 34 11.86 4.01 1.20
N HIS A 35 13.17 4.07 1.44
CA HIS A 35 13.72 5.16 2.25
C HIS A 35 13.53 6.51 1.58
N LYS A 36 13.51 6.54 0.25
CA LYS A 36 13.32 7.79 -0.48
C LYS A 36 11.85 8.16 -0.64
N THR A 37 10.92 7.27 -0.33
CA THR A 37 9.50 7.54 -0.48
C THR A 37 8.71 7.47 0.81
N TYR A 38 9.35 7.14 1.93
CA TYR A 38 8.68 7.10 3.24
C TYR A 38 9.43 8.02 4.20
N ASP A 39 8.73 9.04 4.70
CA ASP A 39 9.30 10.01 5.62
C ASP A 39 8.82 9.70 7.02
N PRO A 40 9.62 9.06 7.88
CA PRO A 40 9.16 8.73 9.24
C PRO A 40 9.07 9.91 10.17
N THR A 41 9.43 11.12 9.73
CA THR A 41 9.19 12.31 10.53
C THR A 41 7.78 12.86 10.35
N TYR A 42 7.12 12.50 9.25
CA TYR A 42 5.73 12.90 8.97
C TYR A 42 5.57 14.41 8.95
N ALA A 43 6.60 15.12 8.47
CA ALA A 43 6.56 16.59 8.48
C ALA A 43 5.53 17.13 7.50
N ASP A 44 5.29 16.45 6.38
CA ASP A 44 4.37 16.95 5.38
C ASP A 44 2.91 16.94 5.83
N PHE A 45 2.61 16.25 6.94
CA PHE A 45 1.23 16.19 7.42
C PHE A 45 0.68 17.56 7.78
N ARG A 46 1.55 18.55 8.00
CA ARG A 46 1.08 19.90 8.29
C ARG A 46 0.46 20.57 7.07
N ASP A 47 0.71 20.05 5.88
CA ASP A 47 0.13 20.63 4.66
C ASP A 47 -1.28 20.15 4.39
N PHE A 48 -1.72 19.07 5.03
CA PHE A 48 -3.05 18.55 4.79
C PHE A 48 -4.11 19.46 5.41
N ARG A 49 -5.32 19.35 4.91
CA ARG A 49 -6.45 19.98 5.58
C ARG A 49 -6.56 19.42 7.00
N PRO A 50 -6.84 20.27 7.99
CA PRO A 50 -6.67 19.84 9.38
C PRO A 50 -7.67 18.76 9.75
N PRO A 51 -7.29 17.85 10.65
CA PRO A 51 -8.26 16.89 11.15
C PRO A 51 -9.24 17.55 12.09
N VAL A 52 -10.52 17.19 11.95
CA VAL A 52 -11.58 17.68 12.81
C VAL A 52 -12.28 16.48 13.41
N ARG A 53 -12.21 16.34 14.73
CA ARG A 53 -12.85 15.25 15.45
C ARG A 53 -14.02 15.86 16.23
N MET A 54 -15.22 15.69 15.68
CA MET A 54 -16.43 16.25 16.28
C MET A 54 -17.56 15.22 16.30
N PRO A 67 -21.72 13.86 9.24
CA PRO A 67 -20.89 15.04 8.97
C PRO A 67 -19.59 14.67 8.24
N LEU A 68 -19.03 13.51 8.57
CA LEU A 68 -17.78 13.02 7.97
C LEU A 68 -16.66 14.03 8.17
N SER A 69 -16.44 14.41 9.43
CA SER A 69 -15.52 15.50 9.75
C SER A 69 -14.08 15.18 9.43
N MET A 70 -13.73 13.91 9.25
CA MET A 70 -12.36 13.51 8.98
C MET A 70 -12.08 13.24 7.51
N LEU A 71 -13.11 13.35 6.66
CA LEU A 71 -12.91 13.10 5.22
C LEU A 71 -11.88 14.02 4.59
N PRO A 72 -11.89 15.34 4.80
CA PRO A 72 -10.87 16.18 4.14
C PRO A 72 -9.44 15.83 4.50
N HIS A 73 -9.17 15.62 5.80
CA HIS A 73 -7.82 15.28 6.22
C HIS A 73 -7.41 13.92 5.69
N LEU A 74 -8.30 12.93 5.79
CA LEU A 74 -7.96 11.58 5.33
C LEU A 74 -7.88 11.50 3.82
N ALA A 75 -8.63 12.35 3.10
CA ALA A 75 -8.49 12.41 1.66
C ALA A 75 -7.12 12.93 1.25
N ASP A 76 -6.64 13.97 1.94
CA ASP A 76 -5.31 14.49 1.66
C ASP A 76 -4.22 13.49 2.05
N LEU A 77 -4.41 12.81 3.18
CA LEU A 77 -3.45 11.79 3.61
C LEU A 77 -3.34 10.67 2.58
N VAL A 78 -4.49 10.15 2.12
CA VAL A 78 -4.48 9.09 1.12
C VAL A 78 -3.87 9.58 -0.18
N SER A 79 -4.27 10.78 -0.62
CA SER A 79 -3.73 11.34 -1.85
C SER A 79 -2.22 11.49 -1.77
N TYR A 80 -1.71 11.99 -0.65
CA TYR A 80 -0.27 12.08 -0.42
C TYR A 80 0.39 10.71 -0.56
N SER A 81 -0.24 9.68 -0.01
CA SER A 81 0.40 8.37 0.00
C SER A 81 0.35 7.70 -1.37
N ILE A 82 -0.69 7.97 -2.16
CA ILE A 82 -0.71 7.47 -3.53
C ILE A 82 0.51 7.98 -4.29
N GLN A 83 0.86 9.26 -4.10
CA GLN A 83 2.05 9.81 -4.73
C GLN A 83 3.31 9.07 -4.28
N LYS A 84 3.41 8.77 -2.99
CA LYS A 84 4.57 8.02 -2.49
C LYS A 84 4.59 6.61 -3.07
N VAL A 85 3.43 5.97 -3.20
CA VAL A 85 3.37 4.63 -3.75
C VAL A 85 3.82 4.62 -5.20
N ILE A 86 3.44 5.64 -5.97
CA ILE A 86 3.88 5.72 -7.37
C ILE A 86 5.39 5.86 -7.44
N GLY A 87 5.97 6.69 -6.56
CA GLY A 87 7.42 6.87 -6.57
C GLY A 87 8.16 5.59 -6.24
N PHE A 88 7.62 4.79 -5.33
CA PHE A 88 8.20 3.49 -5.02
C PHE A 88 8.07 2.54 -6.20
N ALA A 89 6.89 2.47 -6.80
CA ALA A 89 6.64 1.53 -7.88
C ALA A 89 7.58 1.77 -9.06
N LYS A 90 7.86 3.04 -9.37
CA LYS A 90 8.73 3.37 -10.48
C LYS A 90 10.14 2.80 -10.32
N MET A 91 10.55 2.54 -9.08
CA MET A 91 11.90 2.05 -8.81
C MET A 91 11.98 0.54 -8.66
N ILE A 92 10.86 -0.18 -8.83
CA ILE A 92 10.86 -1.64 -8.76
C ILE A 92 11.61 -2.19 -9.97
N PRO A 93 12.62 -3.04 -9.77
CA PRO A 93 13.34 -3.62 -10.92
C PRO A 93 12.41 -4.32 -11.90
N GLY A 94 12.37 -3.83 -13.13
CA GLY A 94 11.55 -4.41 -14.17
C GLY A 94 10.21 -3.73 -14.40
N PHE A 95 9.78 -2.85 -13.47
CA PHE A 95 8.46 -2.24 -13.59
C PHE A 95 8.35 -1.38 -14.84
N ARG A 96 9.39 -0.59 -15.12
CA ARG A 96 9.38 0.32 -16.26
C ARG A 96 9.59 -0.38 -17.60
N ASP A 97 9.85 -1.69 -17.59
CA ASP A 97 9.82 -2.48 -18.82
C ASP A 97 8.42 -2.70 -19.36
N LEU A 98 7.39 -2.45 -18.54
CA LEU A 98 6.01 -2.63 -18.95
C LEU A 98 5.52 -1.42 -19.75
N THR A 99 4.42 -1.62 -20.47
CA THR A 99 3.78 -0.53 -21.16
C THR A 99 3.14 0.43 -20.16
N SER A 100 2.90 1.66 -20.62
N SER A 100 2.89 1.65 -20.62
CA SER A 100 2.26 2.66 -19.77
CA SER A 100 2.26 2.66 -19.75
C SER A 100 0.87 2.21 -19.32
C SER A 100 0.87 2.21 -19.32
N ASP A 101 0.14 1.54 -20.22
CA ASP A 101 -1.19 1.04 -19.85
C ASP A 101 -1.10 0.04 -18.71
N ASP A 102 -0.14 -0.89 -18.77
CA ASP A 102 -0.02 -1.89 -17.72
C ASP A 102 0.45 -1.28 -16.40
N GLN A 103 1.35 -0.29 -16.46
CA GLN A 103 1.76 0.40 -15.24
C GLN A 103 0.57 1.06 -14.57
N ILE A 104 -0.35 1.61 -15.35
CA ILE A 104 -1.50 2.31 -14.80
C ILE A 104 -2.47 1.33 -14.17
N VAL A 105 -2.74 0.21 -14.85
N VAL A 105 -2.76 0.23 -14.87
CA VAL A 105 -3.69 -0.76 -14.28
CA VAL A 105 -3.64 -0.80 -14.34
C VAL A 105 -3.13 -1.40 -13.02
C VAL A 105 -3.11 -1.31 -13.00
N LEU A 106 -1.81 -1.59 -12.95
CA LEU A 106 -1.22 -2.17 -11.74
C LEU A 106 -1.30 -1.21 -10.57
N LEU A 107 -1.06 0.07 -10.81
CA LEU A 107 -1.09 1.03 -9.70
C LEU A 107 -2.51 1.39 -9.29
N LYS A 108 -3.43 1.46 -10.25
CA LYS A 108 -4.83 1.73 -9.91
C LYS A 108 -5.40 0.63 -9.02
N SER A 109 -5.06 -0.62 -9.30
CA SER A 109 -5.60 -1.75 -8.56
C SER A 109 -4.85 -2.04 -7.27
N SER A 110 -3.59 -1.65 -7.18
CA SER A 110 -2.79 -1.97 -6.00
C SER A 110 -2.67 -0.83 -5.00
N ALA A 111 -3.01 0.41 -5.39
CA ALA A 111 -2.70 1.58 -4.56
C ALA A 111 -3.24 1.43 -3.15
N ILE A 112 -4.52 1.05 -3.02
CA ILE A 112 -5.12 0.94 -1.69
C ILE A 112 -4.46 -0.17 -0.89
N GLU A 113 -4.02 -1.24 -1.56
CA GLU A 113 -3.37 -2.34 -0.86
C GLU A 113 -1.98 -1.93 -0.37
N VAL A 114 -1.22 -1.23 -1.21
CA VAL A 114 0.11 -0.81 -0.79
C VAL A 114 0.02 0.23 0.34
N ILE A 115 -1.01 1.07 0.33
CA ILE A 115 -1.21 2.00 1.44
C ILE A 115 -1.46 1.24 2.74
N MET A 116 -2.29 0.20 2.68
CA MET A 116 -2.52 -0.62 3.87
C MET A 116 -1.22 -1.25 4.37
N LEU A 117 -0.38 -1.73 3.44
CA LEU A 117 0.88 -2.36 3.85
C LEU A 117 1.84 -1.33 4.44
N ARG A 118 2.04 -0.21 3.75
CA ARG A 118 3.04 0.76 4.21
C ARG A 118 2.60 1.46 5.48
N SER A 119 1.29 1.59 5.71
CA SER A 119 0.81 2.20 6.94
C SER A 119 1.08 1.34 8.18
N ASN A 120 1.46 0.07 7.98
CA ASN A 120 1.81 -0.78 9.11
C ASN A 120 3.03 -0.28 9.86
N GLN A 121 3.89 0.50 9.20
CA GLN A 121 5.09 1.01 9.85
C GLN A 121 4.76 1.92 11.01
N SER A 122 3.65 2.66 10.92
CA SER A 122 3.23 3.57 11.99
C SER A 122 2.17 2.95 12.91
N PHE A 123 1.65 1.78 12.57
CA PHE A 123 0.64 1.14 13.41
C PHE A 123 1.26 0.68 14.72
N THR A 124 0.54 0.89 15.81
CA THR A 124 0.98 0.44 17.13
C THR A 124 -0.05 -0.53 17.70
N MET A 125 0.45 -1.62 18.29
CA MET A 125 -0.42 -2.55 18.98
C MET A 125 -0.65 -2.16 20.43
N ASP A 126 0.03 -1.12 20.92
CA ASP A 126 -0.27 -0.58 22.24
C ASP A 126 -1.73 -0.16 22.34
N ASP A 127 -2.26 0.48 21.29
CA ASP A 127 -3.66 0.91 21.33
C ASP A 127 -4.35 0.83 19.97
N MET A 128 -3.85 0.01 19.04
CA MET A 128 -4.49 -0.22 17.73
C MET A 128 -4.70 1.09 16.98
N SER A 129 -3.64 1.89 16.90
CA SER A 129 -3.70 3.18 16.23
C SER A 129 -2.52 3.33 15.29
N TRP A 130 -2.67 4.26 14.35
CA TRP A 130 -1.58 4.67 13.45
C TRP A 130 -0.96 5.92 14.06
N ASP A 131 0.19 5.77 14.71
CA ASP A 131 0.86 6.88 15.36
C ASP A 131 1.85 7.52 14.39
N CYS A 132 1.55 8.74 13.97
CA CYS A 132 2.37 9.46 12.99
C CYS A 132 3.01 10.70 13.61
N GLY A 133 3.40 10.61 14.88
CA GLY A 133 4.28 11.57 15.50
C GLY A 133 3.63 12.55 16.46
N SER A 134 2.33 12.78 16.33
N SER A 134 2.33 12.78 16.33
CA SER A 134 1.65 13.78 17.15
CA SER A 134 1.67 13.77 17.18
C SER A 134 0.24 13.30 17.48
C SER A 134 0.24 13.31 17.46
N GLN A 135 -0.42 14.03 18.38
CA GLN A 135 -1.79 13.68 18.76
C GLN A 135 -2.77 13.96 17.62
N ASP A 136 -2.61 15.08 16.92
CA ASP A 136 -3.44 15.36 15.77
C ASP A 136 -3.30 14.28 14.71
N TYR A 137 -2.13 13.63 14.63
CA TYR A 137 -1.84 12.63 13.62
C TYR A 137 -1.68 11.24 14.22
N LYS A 138 -2.43 10.96 15.28
CA LYS A 138 -2.60 9.59 15.80
C LYS A 138 -4.02 9.18 15.46
N TYR A 139 -4.15 8.21 14.56
CA TYR A 139 -5.45 7.85 13.99
C TYR A 139 -5.91 6.50 14.52
N ASP A 140 -7.20 6.41 14.87
CA ASP A 140 -7.77 5.16 15.34
C ASP A 140 -8.99 4.76 14.53
N VAL A 141 -9.78 3.81 15.04
N VAL A 141 -9.78 3.84 15.06
CA VAL A 141 -10.91 3.31 14.27
CA VAL A 141 -10.96 3.33 14.35
C VAL A 141 -11.99 4.37 14.13
C VAL A 141 -11.99 4.44 14.16
N THR A 142 -12.10 5.29 15.10
N THR A 142 -12.15 5.31 15.17
CA THR A 142 -13.13 6.32 15.03
CA THR A 142 -13.13 6.38 15.08
C THR A 142 -12.82 7.35 13.95
C THR A 142 -12.82 7.34 13.94
N ASP A 143 -11.54 7.54 13.64
CA ASP A 143 -11.18 8.47 12.56
C ASP A 143 -11.56 7.90 11.20
N VAL A 144 -11.39 6.58 11.02
CA VAL A 144 -11.82 5.95 9.77
C VAL A 144 -13.33 6.05 9.62
N SER A 145 -14.06 5.86 10.71
N SER A 145 -14.06 5.87 10.72
CA SER A 145 -15.51 5.99 10.67
CA SER A 145 -15.52 5.99 10.63
C SER A 145 -15.93 7.41 10.32
C SER A 145 -15.96 7.41 10.35
N LYS A 146 -15.21 8.41 10.84
CA LYS A 146 -15.52 9.80 10.55
C LYS A 146 -15.09 10.20 9.14
N ALA A 147 -14.59 9.27 8.34
CA ALA A 147 -14.39 9.47 6.92
C ALA A 147 -15.45 8.77 6.08
N GLY A 148 -16.40 8.08 6.71
CA GLY A 148 -17.52 7.47 6.03
C GLY A 148 -17.50 5.96 5.96
N HIS A 149 -16.48 5.30 6.49
CA HIS A 149 -16.36 3.86 6.36
C HIS A 149 -16.98 3.14 7.56
N THR A 150 -17.34 1.88 7.34
CA THR A 150 -18.07 1.06 8.30
C THR A 150 -17.18 -0.07 8.81
N LEU A 151 -17.72 -0.84 9.76
CA LEU A 151 -16.99 -1.97 10.33
C LEU A 151 -16.76 -3.09 9.31
N GLU A 152 -17.57 -3.14 8.25
N GLU A 152 -17.56 -3.15 8.25
CA GLU A 152 -17.33 -4.10 7.17
CA GLU A 152 -17.32 -4.13 7.19
C GLU A 152 -15.91 -4.02 6.65
C GLU A 152 -15.91 -4.02 6.65
N LEU A 153 -15.32 -2.82 6.68
CA LEU A 153 -13.94 -2.60 6.29
C LEU A 153 -13.01 -2.46 7.48
N ILE A 154 -13.46 -1.77 8.53
CA ILE A 154 -12.56 -1.40 9.63
C ILE A 154 -12.14 -2.63 10.43
N GLU A 155 -13.08 -3.54 10.72
CA GLU A 155 -12.73 -4.75 11.47
C GLU A 155 -11.70 -5.60 10.74
N PRO A 156 -11.91 -5.99 9.48
CA PRO A 156 -10.83 -6.74 8.79
C PRO A 156 -9.56 -5.94 8.61
N LEU A 157 -9.66 -4.61 8.57
CA LEU A 157 -8.47 -3.78 8.44
C LEU A 157 -7.59 -3.85 9.68
N ILE A 158 -8.21 -3.76 10.87
CA ILE A 158 -7.45 -3.85 12.11
C ILE A 158 -6.84 -5.24 12.27
N LYS A 159 -7.62 -6.29 11.97
N LYS A 159 -7.62 -6.28 11.97
CA LYS A 159 -7.09 -7.65 12.04
CA LYS A 159 -7.09 -7.64 12.03
C LYS A 159 -5.92 -7.83 11.08
C LYS A 159 -5.92 -7.82 11.08
N PHE A 160 -5.95 -7.16 9.92
CA PHE A 160 -4.84 -7.24 8.98
C PHE A 160 -3.60 -6.55 9.54
N GLN A 161 -3.78 -5.34 10.09
CA GLN A 161 -2.65 -4.60 10.64
C GLN A 161 -2.00 -5.38 11.79
N VAL A 162 -2.82 -6.02 12.62
CA VAL A 162 -2.29 -6.78 13.75
C VAL A 162 -1.54 -8.01 13.25
N GLY A 163 -2.14 -8.75 12.31
CA GLY A 163 -1.48 -9.94 11.79
C GLY A 163 -0.20 -9.63 11.05
N LEU A 164 -0.15 -8.49 10.35
CA LEU A 164 1.07 -8.11 9.66
C LEU A 164 2.16 -7.68 10.63
N LYS A 165 1.78 -6.95 11.69
CA LYS A 165 2.75 -6.55 12.70
C LYS A 165 3.33 -7.77 13.42
N LYS A 166 2.48 -8.77 13.68
CA LYS A 166 2.95 -9.97 14.38
C LYS A 166 3.97 -10.76 13.56
N LEU A 167 4.04 -10.51 12.25
CA LEU A 167 5.04 -11.20 11.44
C LEU A 167 6.45 -10.69 11.71
N ASN A 168 6.60 -9.48 12.24
N ASN A 168 6.59 -9.48 12.27
CA ASN A 168 7.90 -8.89 12.56
CA ASN A 168 7.88 -8.85 12.55
C ASN A 168 8.83 -8.96 11.35
C ASN A 168 8.82 -8.96 11.35
N LEU A 169 8.33 -8.50 10.21
CA LEU A 169 9.10 -8.57 8.97
C LEU A 169 10.38 -7.75 9.10
N HIS A 170 11.46 -8.27 8.53
CA HIS A 170 12.61 -7.43 8.25
C HIS A 170 12.19 -6.35 7.27
N GLU A 171 12.89 -5.21 7.30
CA GLU A 171 12.62 -4.17 6.32
C GLU A 171 12.78 -4.70 4.90
N GLU A 172 13.70 -5.65 4.71
CA GLU A 172 13.88 -6.28 3.41
C GLU A 172 12.62 -7.01 2.97
N GLU A 173 11.96 -7.72 3.89
CA GLU A 173 10.74 -8.42 3.56
C GLU A 173 9.57 -7.45 3.38
N HIS A 174 9.56 -6.37 4.15
CA HIS A 174 8.50 -5.36 4.03
C HIS A 174 8.48 -4.75 2.64
N VAL A 175 9.65 -4.36 2.12
CA VAL A 175 9.68 -3.71 0.82
C VAL A 175 9.49 -4.72 -0.30
N LEU A 176 9.94 -5.97 -0.12
CA LEU A 176 9.69 -6.99 -1.13
C LEU A 176 8.21 -7.28 -1.27
N LEU A 177 7.49 -7.30 -0.15
CA LEU A 177 6.05 -7.59 -0.19
C LEU A 177 5.28 -6.49 -0.90
N MET A 178 5.67 -5.23 -0.66
CA MET A 178 5.01 -4.13 -1.36
C MET A 178 5.22 -4.21 -2.87
N ALA A 179 6.44 -4.58 -3.29
CA ALA A 179 6.73 -4.67 -4.71
C ALA A 179 5.97 -5.81 -5.38
N ILE A 180 5.88 -6.97 -4.70
CA ILE A 180 5.15 -8.10 -5.26
C ILE A 180 3.67 -7.78 -5.38
N CYS A 181 3.11 -7.09 -4.38
CA CYS A 181 1.72 -6.64 -4.45
C CYS A 181 1.45 -5.80 -5.69
N ILE A 182 2.37 -4.89 -6.02
CA ILE A 182 2.16 -3.99 -7.15
C ILE A 182 2.19 -4.76 -8.47
N VAL A 183 3.19 -5.62 -8.65
CA VAL A 183 3.37 -6.33 -9.91
C VAL A 183 2.66 -7.67 -9.87
N SER A 184 1.33 -7.65 -9.91
CA SER A 184 0.54 -8.87 -9.89
C SER A 184 -0.13 -9.10 -11.24
N PRO A 185 0.06 -10.26 -11.86
CA PRO A 185 -0.44 -10.46 -13.23
C PRO A 185 -1.93 -10.70 -13.34
N ASP A 186 -2.64 -10.97 -12.24
CA ASP A 186 -4.05 -11.27 -12.30
C ASP A 186 -4.95 -10.05 -12.07
N ARG A 187 -4.38 -8.86 -12.09
CA ARG A 187 -5.20 -7.66 -11.95
C ARG A 187 -6.06 -7.48 -13.19
N PRO A 188 -7.32 -7.04 -13.04
CA PRO A 188 -8.17 -6.85 -14.22
C PRO A 188 -7.66 -5.72 -15.10
N GLY A 189 -7.66 -5.97 -16.41
CA GLY A 189 -7.20 -5.00 -17.37
C GLY A 189 -5.75 -5.13 -17.79
N VAL A 190 -5.03 -6.12 -17.26
CA VAL A 190 -3.62 -6.31 -17.62
C VAL A 190 -3.53 -6.83 -19.05
N GLN A 191 -2.66 -6.22 -19.85
N GLN A 191 -2.69 -6.19 -19.85
CA GLN A 191 -2.48 -6.67 -21.22
CA GLN A 191 -2.44 -6.62 -21.22
C GLN A 191 -1.41 -7.76 -21.32
C GLN A 191 -1.43 -7.76 -21.25
N ASP A 192 -0.17 -7.44 -20.93
CA ASP A 192 0.93 -8.39 -21.02
C ASP A 192 1.10 -9.08 -19.66
N ALA A 193 0.12 -9.94 -19.34
CA ALA A 193 0.15 -10.66 -18.08
C ALA A 193 1.37 -11.57 -17.98
N LYS A 194 1.90 -12.01 -19.12
CA LYS A 194 3.07 -12.88 -19.11
C LYS A 194 4.31 -12.13 -18.66
N LEU A 195 4.43 -10.85 -19.06
CA LEU A 195 5.56 -10.04 -18.63
C LEU A 195 5.44 -9.65 -17.16
N VAL A 196 4.22 -9.34 -16.71
CA VAL A 196 4.01 -8.99 -15.31
C VAL A 196 4.37 -10.17 -14.41
N GLU A 197 4.02 -11.39 -14.84
CA GLU A 197 4.34 -12.57 -14.04
C GLU A 197 5.85 -12.79 -13.97
N ALA A 198 6.56 -12.58 -15.08
CA ALA A 198 8.00 -12.76 -15.08
C ALA A 198 8.69 -11.78 -14.13
N ILE A 199 8.19 -10.55 -14.06
CA ILE A 199 8.78 -9.56 -13.16
C ILE A 199 8.49 -9.93 -11.71
N GLN A 200 7.24 -10.32 -11.41
CA GLN A 200 6.90 -10.72 -10.05
C GLN A 200 7.68 -11.97 -9.64
N ASP A 201 7.92 -12.88 -10.57
CA ASP A 201 8.64 -14.11 -10.24
C ASP A 201 10.06 -13.81 -9.78
N ARG A 202 10.73 -12.86 -10.44
CA ARG A 202 12.04 -12.43 -9.99
C ARG A 202 11.98 -11.91 -8.55
N LEU A 203 10.88 -11.21 -8.21
CA LEU A 203 10.72 -10.70 -6.86
C LEU A 203 10.35 -11.80 -5.87
N SER A 204 9.44 -12.69 -6.28
CA SER A 204 9.01 -13.75 -5.38
C SER A 204 10.16 -14.70 -5.03
N ASN A 205 10.97 -15.05 -6.04
CA ASN A 205 12.13 -15.90 -5.77
C ASN A 205 13.15 -15.19 -4.90
N THR A 206 13.29 -13.87 -5.08
CA THR A 206 14.18 -13.11 -4.21
C THR A 206 13.71 -13.15 -2.76
N LEU A 207 12.41 -12.98 -2.54
CA LEU A 207 11.87 -13.04 -1.19
C LEU A 207 12.01 -14.45 -0.60
N GLN A 208 11.62 -15.47 -1.37
CA GLN A 208 11.70 -16.84 -0.87
C GLN A 208 13.13 -17.21 -0.51
N THR A 209 14.10 -16.80 -1.33
CA THR A 209 15.50 -17.09 -1.01
C THR A 209 15.99 -16.26 0.17
N TYR A 210 15.52 -15.01 0.28
CA TYR A 210 15.95 -14.16 1.40
C TYR A 210 15.53 -14.76 2.73
N ILE A 211 14.30 -15.27 2.80
CA ILE A 211 13.83 -15.87 4.05
C ILE A 211 14.65 -17.09 4.40
N ARG A 212 15.03 -17.87 3.38
CA ARG A 212 15.77 -19.15 3.58
C ARG A 212 17.27 -18.94 3.84
N CYS A 213 17.75 -17.71 3.76
N CYS A 213 17.74 -17.70 3.77
CA CYS A 213 19.16 -17.44 4.01
CA CYS A 213 19.15 -17.41 3.97
C CYS A 213 19.41 -16.42 5.12
C CYS A 213 19.42 -16.39 5.06
N ARG A 214 18.48 -15.49 5.36
CA ARG A 214 18.71 -14.41 6.31
C ARG A 214 17.73 -14.32 7.45
N HIS A 215 16.56 -14.98 7.38
CA HIS A 215 15.61 -14.91 8.48
C HIS A 215 15.80 -16.12 9.37
N PRO A 216 16.32 -15.97 10.58
CA PRO A 216 16.58 -17.14 11.41
C PRO A 216 15.29 -17.74 11.94
N PRO A 217 15.26 -19.04 12.19
CA PRO A 217 14.10 -19.64 12.86
C PRO A 217 14.07 -19.21 14.32
N PRO A 218 12.90 -19.26 14.97
CA PRO A 218 11.60 -19.73 14.47
C PRO A 218 10.81 -18.72 13.65
N GLY A 219 11.31 -17.48 13.56
CA GLY A 219 10.57 -16.45 12.85
C GLY A 219 10.31 -16.77 11.39
N SER A 220 11.18 -17.56 10.78
CA SER A 220 11.08 -17.90 9.34
C SER A 220 10.05 -18.98 9.02
N HIS A 221 9.46 -19.60 10.04
CA HIS A 221 8.60 -20.76 9.80
C HIS A 221 7.37 -20.37 8.99
N GLN A 222 7.23 -20.96 7.80
N GLN A 222 7.24 -20.95 7.80
CA GLN A 222 6.11 -20.70 6.91
CA GLN A 222 6.11 -20.70 6.89
C GLN A 222 5.94 -19.21 6.61
C GLN A 222 5.93 -19.21 6.61
N LEU A 223 7.03 -18.46 6.66
CA LEU A 223 6.93 -17.01 6.54
C LEU A 223 6.48 -16.59 5.15
N TYR A 224 6.99 -17.23 4.09
CA TYR A 224 6.57 -16.85 2.75
C TYR A 224 5.08 -17.12 2.54
N ALA A 225 4.60 -18.27 2.99
CA ALA A 225 3.18 -18.59 2.88
C ALA A 225 2.33 -17.60 3.67
N LYS A 226 2.81 -17.18 4.84
CA LYS A 226 2.09 -16.19 5.63
C LYS A 226 2.05 -14.84 4.93
N MET A 227 3.12 -14.48 4.22
CA MET A 227 3.13 -13.21 3.50
C MET A 227 2.21 -13.27 2.27
N ILE A 228 2.14 -14.43 1.62
CA ILE A 228 1.22 -14.57 0.48
C ILE A 228 -0.22 -14.56 0.96
N GLN A 229 -0.49 -15.09 2.15
CA GLN A 229 -1.83 -14.98 2.72
C GLN A 229 -2.22 -13.52 2.93
N LYS A 230 -1.27 -12.69 3.34
CA LYS A 230 -1.56 -11.27 3.52
C LYS A 230 -1.90 -10.59 2.20
N LEU A 231 -1.32 -11.05 1.09
CA LEU A 231 -1.70 -10.52 -0.21
C LEU A 231 -3.14 -10.91 -0.55
N ALA A 232 -3.55 -12.11 -0.17
CA ALA A 232 -4.94 -12.53 -0.36
C ALA A 232 -5.88 -11.72 0.51
N ASP A 233 -5.49 -11.47 1.77
CA ASP A 233 -6.28 -10.61 2.64
C ASP A 233 -6.46 -9.23 2.01
N LEU A 234 -5.43 -8.73 1.32
CA LEU A 234 -5.51 -7.41 0.72
C LEU A 234 -6.50 -7.35 -0.43
N ARG A 235 -6.65 -8.44 -1.18
CA ARG A 235 -7.64 -8.48 -2.25
C ARG A 235 -9.05 -8.29 -1.68
N SER A 236 -9.35 -8.95 -0.56
CA SER A 236 -10.66 -8.79 0.06
C SER A 236 -10.84 -7.38 0.63
N LEU A 237 -9.79 -6.84 1.26
CA LEU A 237 -9.86 -5.47 1.74
C LEU A 237 -10.01 -4.48 0.60
N ASN A 238 -9.33 -4.74 -0.52
CA ASN A 238 -9.48 -3.92 -1.72
C ASN A 238 -10.94 -3.88 -2.16
N GLU A 239 -11.59 -5.04 -2.21
CA GLU A 239 -12.96 -5.10 -2.69
C GLU A 239 -13.91 -4.34 -1.77
N GLU A 240 -13.77 -4.50 -0.46
CA GLU A 240 -14.66 -3.82 0.46
C GLU A 240 -14.44 -2.31 0.44
N HIS A 241 -13.18 -1.87 0.34
CA HIS A 241 -12.92 -0.43 0.27
C HIS A 241 -13.52 0.17 -0.99
N SER A 242 -13.33 -0.49 -2.14
CA SER A 242 -13.89 0.02 -3.39
C SER A 242 -15.41 0.08 -3.30
N LYS A 243 -16.03 -0.90 -2.65
CA LYS A 243 -17.48 -0.88 -2.44
C LYS A 243 -17.90 0.36 -1.66
N GLN A 244 -17.29 0.56 -0.48
CA GLN A 244 -17.64 1.72 0.33
C GLN A 244 -17.21 3.02 -0.33
N TYR A 245 -16.08 3.01 -1.04
CA TYR A 245 -15.67 4.22 -1.76
C TYR A 245 -16.68 4.59 -2.84
N ARG A 246 -17.20 3.59 -3.56
CA ARG A 246 -18.15 3.88 -4.63
C ARG A 246 -19.45 4.44 -4.07
N SER A 247 -19.88 3.97 -2.90
CA SER A 247 -21.09 4.51 -2.29
C SER A 247 -20.85 5.91 -1.74
N LEU A 248 -19.68 6.14 -1.12
CA LEU A 248 -19.36 7.46 -0.59
C LEU A 248 -19.22 8.47 -1.71
N SER A 249 -18.43 8.13 -2.74
CA SER A 249 -18.17 9.05 -3.84
C SER A 249 -19.37 9.28 -4.75
N PHE A 250 -20.42 8.47 -4.62
CA PHE A 250 -21.61 8.69 -5.46
C PHE A 250 -22.36 9.94 -5.04
N GLN A 251 -22.24 10.34 -3.79
CA GLN A 251 -22.85 11.58 -3.34
C GLN A 251 -21.93 12.76 -3.66
N PRO A 252 -22.35 13.71 -4.49
CA PRO A 252 -21.43 14.78 -4.90
C PRO A 252 -20.87 15.59 -3.75
N GLU A 253 -21.62 15.75 -2.66
CA GLU A 253 -21.09 16.46 -1.49
C GLU A 253 -19.85 15.78 -0.95
N ASN A 254 -19.75 14.46 -1.09
CA ASN A 254 -18.58 13.74 -0.62
C ASN A 254 -17.42 13.82 -1.63
N SER A 255 -17.71 13.63 -2.92
N SER A 255 -17.73 13.62 -2.92
CA SER A 255 -16.66 13.72 -3.92
CA SER A 255 -16.72 13.74 -3.96
C SER A 255 -16.05 15.11 -3.98
C SER A 255 -16.04 15.10 -3.93
N MET A 256 -16.77 16.14 -3.53
CA MET A 256 -16.23 17.49 -3.50
C MET A 256 -15.06 17.61 -2.54
N LYS A 257 -15.02 16.76 -1.51
CA LYS A 257 -13.96 16.82 -0.51
C LYS A 257 -12.76 15.94 -0.85
N LEU A 258 -12.85 15.14 -1.91
CA LEU A 258 -11.72 14.31 -2.32
C LEU A 258 -10.72 15.16 -3.11
N THR A 259 -9.62 14.55 -3.51
CA THR A 259 -8.64 15.24 -4.33
C THR A 259 -8.72 14.75 -5.76
N PRO A 260 -8.21 15.53 -6.73
CA PRO A 260 -8.22 15.05 -8.12
C PRO A 260 -7.50 13.73 -8.32
N LEU A 261 -6.38 13.52 -7.64
CA LEU A 261 -5.64 12.26 -7.78
C LEU A 261 -6.44 11.09 -7.25
N VAL A 262 -7.12 11.27 -6.11
CA VAL A 262 -7.95 10.21 -5.55
C VAL A 262 -9.05 9.82 -6.51
N LEU A 263 -9.70 10.82 -7.13
CA LEU A 263 -10.77 10.52 -8.08
C LEU A 263 -10.24 9.80 -9.31
N GLU A 264 -9.02 10.12 -9.74
CA GLU A 264 -8.44 9.44 -10.89
C GLU A 264 -8.08 8.00 -10.55
N VAL A 265 -7.48 7.78 -9.39
CA VAL A 265 -6.98 6.45 -9.04
C VAL A 265 -8.11 5.56 -8.54
N PHE A 266 -8.88 6.04 -7.56
CA PHE A 266 -9.92 5.21 -6.95
C PHE A 266 -11.21 5.20 -7.75
N GLY A 267 -11.47 6.22 -8.57
CA GLY A 267 -12.67 6.28 -9.37
C GLY A 267 -13.46 7.54 -9.15
N ASN A 268 -14.22 7.95 -10.16
CA ASN A 268 -15.07 9.13 -10.07
C ASN A 268 -16.53 8.71 -10.03
N ASN B 2 -6.87 9.72 -20.26
CA ASN B 2 -7.76 9.04 -19.32
C ASN B 2 -7.26 9.20 -17.90
N HIS B 3 -5.99 8.85 -17.66
CA HIS B 3 -5.35 9.00 -16.36
C HIS B 3 -4.13 9.92 -16.49
N PRO B 4 -4.36 11.21 -16.74
CA PRO B 4 -3.21 12.10 -17.00
C PRO B 4 -2.35 12.36 -15.77
N MET B 5 -2.93 12.39 -14.58
CA MET B 5 -2.12 12.64 -13.39
C MET B 5 -1.29 11.43 -13.01
N LEU B 6 -1.87 10.24 -13.09
CA LEU B 6 -1.10 9.00 -12.91
C LEU B 6 -0.01 8.88 -13.96
N MET B 7 -0.35 9.18 -15.21
N MET B 7 -0.33 9.20 -15.21
CA MET B 7 0.63 9.12 -16.30
CA MET B 7 0.66 9.09 -16.28
C MET B 7 1.81 10.06 -16.04
C MET B 7 1.82 10.07 -16.06
N ASN B 8 1.52 11.30 -15.63
CA ASN B 8 2.58 12.27 -15.40
C ASN B 8 3.48 11.85 -14.25
N LEU B 9 2.90 11.29 -13.19
N LEU B 9 2.90 11.30 -13.18
CA LEU B 9 3.70 10.84 -12.06
CA LEU B 9 3.70 10.84 -12.05
C LEU B 9 4.52 9.60 -12.39
C LEU B 9 4.53 9.61 -12.41
N LEU B 10 4.10 8.83 -13.40
CA LEU B 10 4.84 7.66 -13.83
C LEU B 10 5.94 7.97 -14.82
N LYS B 11 5.93 9.17 -15.40
CA LYS B 11 6.93 9.59 -16.38
C LYS B 11 8.34 9.54 -15.81
#